data_5TY0
#
_entry.id   5TY0
#
_cell.length_a   53.399
_cell.length_b   89.853
_cell.length_c   117.980
_cell.angle_alpha   90.00
_cell.angle_beta   90.00
_cell.angle_gamma   90.00
#
_symmetry.space_group_name_H-M   'P 21 21 21'
#
loop_
_entity.id
_entity.type
_entity.pdbx_description
1 polymer 'Elongation factor G'
2 non-polymer 'SODIUM ION'
3 non-polymer beta-D-glucopyranose
4 water water
#
_entity_poly.entity_id   1
_entity_poly.type   'polypeptide(L)'
_entity_poly.pdbx_seq_one_letter_code
;SNAMATPLKLYRNIGIAAHVDAGKTTTTERVLYYTGMSHKIGEVHDGAATMDWMVQEQERGITITSAATTCYWSGMDKQF
ESHRINIIDTPGHVDFMIEVERSLRVLDGAVVVFDSVAGVEPQSETVWRQANKYGVPRIVFVNKMDRMGANFLRVVSQIK
QRLGSTPVVLQLPIGAEEEFKGVIDLIKMKAIHWDEENKGMTFKYVDIPADLKSTCEEYRAHIIEAAAEYSEELMEKYLE
GEEFTEAEIKKALRHLTITNKVVPVFCGSAFKNKGVQAVLDGVIEYLPSPTDIPDIQGVDEHGDVIHRKTSYDEPFSALA
FKIATDPFVGTLTYFRAYSGILKSGDTVYNSVKGKKERIGRLLQMHANSREEIKEVRAGDIAAAVGLKTVTTGDTLCDQD
KVVILERMDFPDPVIAVAVEPK
;
_entity_poly.pdbx_strand_id   A
#
# COMPACT_ATOMS: atom_id res chain seq x y z
N ALA A 5 -15.26 -9.78 12.44
CA ALA A 5 -14.39 -8.66 12.91
C ALA A 5 -12.91 -8.97 12.63
N THR A 6 -12.36 -8.25 11.65
CA THR A 6 -10.97 -8.43 11.26
C THR A 6 -10.08 -7.65 12.25
N PRO A 7 -9.08 -8.32 12.87
CA PRO A 7 -8.19 -7.59 13.77
C PRO A 7 -7.33 -6.57 13.02
N LEU A 8 -6.96 -5.51 13.72
CA LEU A 8 -6.15 -4.44 13.13
C LEU A 8 -4.92 -4.88 12.39
N LYS A 9 -4.22 -5.88 12.91
CA LYS A 9 -2.97 -6.31 12.29
C LYS A 9 -3.14 -6.85 10.88
N LEU A 10 -4.35 -7.24 10.49
CA LEU A 10 -4.61 -7.81 9.16
C LEU A 10 -5.06 -6.77 8.14
N TYR A 11 -5.07 -5.50 8.54
CA TYR A 11 -5.44 -4.41 7.64
C TYR A 11 -4.24 -3.88 6.89
N ARG A 12 -4.44 -3.51 5.62
CA ARG A 12 -3.41 -2.86 4.82
C ARG A 12 -4.09 -1.74 4.07
N ASN A 13 -3.88 -0.50 4.51
CA ASN A 13 -4.43 0.67 3.82
C ASN A 13 -3.34 1.10 2.85
N ILE A 14 -3.60 0.96 1.56
CA ILE A 14 -2.61 1.28 0.55
C ILE A 14 -3.09 2.16 -0.57
N GLY A 15 -2.12 2.73 -1.27
CA GLY A 15 -2.36 3.53 -2.46
C GLY A 15 -1.43 3.01 -3.53
N ILE A 16 -1.87 3.06 -4.78
CA ILE A 16 -1.04 2.64 -5.89
C ILE A 16 -0.64 3.93 -6.57
N ALA A 17 0.62 4.33 -6.37
CA ALA A 17 1.16 5.56 -6.90
C ALA A 17 1.87 5.24 -8.21
N ALA A 18 1.27 5.66 -9.30
CA ALA A 18 1.76 5.37 -10.63
C ALA A 18 1.35 6.47 -11.57
N HIS A 19 2.28 6.95 -12.35
CA HIS A 19 2.00 8.03 -13.26
C HIS A 19 2.45 7.69 -14.66
N VAL A 20 2.03 8.51 -15.60
CA VAL A 20 2.45 8.42 -17.00
C VAL A 20 2.23 7.00 -17.61
N ASP A 21 3.32 6.33 -18.01
CA ASP A 21 3.25 5.02 -18.68
C ASP A 21 3.40 3.83 -17.74
N ALA A 22 3.28 4.06 -16.42
CA ALA A 22 3.51 2.96 -15.48
C ALA A 22 2.43 1.87 -15.49
N GLY A 23 1.25 2.18 -16.02
CA GLY A 23 0.16 1.20 -16.09
C GLY A 23 -0.63 1.10 -14.79
N LYS A 24 -1.04 2.24 -14.26
CA LYS A 24 -1.84 2.29 -13.05
C LYS A 24 -3.17 1.58 -13.24
N THR A 25 -3.84 1.87 -14.35
CA THR A 25 -5.17 1.29 -14.58
C THR A 25 -5.15 -0.23 -14.62
N THR A 26 -4.23 -0.81 -15.38
N THR A 26 -4.25 -0.81 -15.41
CA THR A 26 -4.15 -2.26 -15.50
CA THR A 26 -4.17 -2.27 -15.49
C THR A 26 -3.69 -2.90 -14.20
C THR A 26 -3.68 -2.91 -14.19
N THR A 27 -2.77 -2.23 -13.48
CA THR A 27 -2.27 -2.77 -12.22
C THR A 27 -3.41 -2.86 -11.20
N THR A 28 -4.18 -1.79 -11.09
CA THR A 28 -5.31 -1.72 -10.16
C THR A 28 -6.37 -2.77 -10.52
N GLU A 29 -6.69 -2.86 -11.80
CA GLU A 29 -7.68 -3.85 -12.23
C GLU A 29 -7.21 -5.30 -11.95
N ARG A 30 -5.90 -5.59 -12.14
CA ARG A 30 -5.37 -6.93 -11.83
C ARG A 30 -5.44 -7.19 -10.31
N VAL A 31 -5.18 -6.17 -9.50
CA VAL A 31 -5.29 -6.36 -8.03
C VAL A 31 -6.71 -6.80 -7.65
N LEU A 32 -7.70 -6.07 -8.16
CA LEU A 32 -9.11 -6.38 -7.87
C LEU A 32 -9.54 -7.72 -8.42
N TYR A 33 -8.98 -8.12 -9.56
CA TYR A 33 -9.28 -9.41 -10.16
C TYR A 33 -8.71 -10.58 -9.36
N TYR A 34 -7.42 -10.55 -9.07
CA TYR A 34 -6.82 -11.68 -8.33
C TYR A 34 -7.41 -11.83 -6.94
N THR A 35 -7.65 -10.71 -6.25
CA THR A 35 -8.24 -10.74 -4.92
C THR A 35 -9.68 -11.25 -4.99
N GLY A 36 -10.41 -10.81 -6.02
CA GLY A 36 -11.81 -11.23 -6.19
C GLY A 36 -11.96 -12.71 -6.50
N MET A 37 -11.05 -13.24 -7.32
CA MET A 37 -11.10 -14.64 -7.74
C MET A 37 -10.55 -15.62 -6.70
N SER A 38 -9.82 -15.11 -5.71
CA SER A 38 -9.26 -16.00 -4.68
C SER A 38 -10.28 -16.61 -3.71
N HIS A 39 -11.37 -15.89 -3.43
CA HIS A 39 -12.44 -16.44 -2.57
C HIS A 39 -13.74 -15.67 -2.78
N THR A 65 -14.44 4.61 -10.90
CA THR A 65 -13.49 4.13 -9.90
C THR A 65 -13.83 4.70 -8.52
N SER A 66 -14.03 3.82 -7.53
CA SER A 66 -14.37 4.24 -6.18
C SER A 66 -13.18 4.92 -5.49
N ALA A 67 -13.48 5.91 -4.65
CA ALA A 67 -12.45 6.62 -3.90
C ALA A 67 -11.66 5.65 -3.02
N ALA A 68 -12.32 4.56 -2.62
CA ALA A 68 -11.68 3.52 -1.82
C ALA A 68 -12.44 2.22 -2.03
N THR A 69 -11.68 1.15 -2.26
CA THR A 69 -12.21 -0.17 -2.52
C THR A 69 -11.56 -1.19 -1.62
N THR A 70 -12.38 -1.99 -0.97
CA THR A 70 -11.90 -3.04 -0.07
C THR A 70 -11.83 -4.37 -0.80
N CYS A 71 -10.78 -5.14 -0.51
CA CYS A 71 -10.59 -6.48 -1.08
C CYS A 71 -9.83 -7.35 -0.06
N TYR A 72 -9.78 -8.64 -0.32
CA TYR A 72 -9.14 -9.61 0.57
C TYR A 72 -8.02 -10.38 -0.15
N TRP A 73 -6.99 -10.74 0.61
CA TRP A 73 -5.86 -11.49 0.06
C TRP A 73 -5.24 -12.36 1.15
N SER A 74 -5.08 -13.64 0.86
CA SER A 74 -4.48 -14.61 1.77
C SER A 74 -3.14 -15.12 1.22
N GLY A 75 -2.63 -14.44 0.22
CA GLY A 75 -1.38 -14.82 -0.39
C GLY A 75 -1.59 -15.60 -1.68
N MET A 76 -0.61 -15.44 -2.56
CA MET A 76 -0.55 -16.09 -3.86
C MET A 76 -0.70 -17.60 -3.74
N ASP A 77 -0.13 -18.16 -2.66
CA ASP A 77 -0.18 -19.60 -2.41
C ASP A 77 -1.06 -19.91 -1.17
N LYS A 78 -1.98 -19.02 -0.81
CA LYS A 78 -2.85 -19.19 0.38
C LYS A 78 -2.06 -19.45 1.66
N GLN A 79 -0.85 -18.91 1.72
CA GLN A 79 0.03 -19.14 2.85
C GLN A 79 -0.14 -18.18 4.03
N PHE A 80 -1.06 -17.22 3.95
CA PHE A 80 -1.26 -16.26 5.01
C PHE A 80 -2.71 -16.27 5.46
N GLU A 81 -2.94 -15.59 6.58
CA GLU A 81 -4.29 -15.34 7.04
C GLU A 81 -4.86 -14.34 6.05
N SER A 82 -6.17 -14.27 6.00
CA SER A 82 -6.83 -13.36 5.10
C SER A 82 -6.63 -11.92 5.56
N HIS A 83 -5.94 -11.12 4.75
CA HIS A 83 -5.74 -9.72 5.06
C HIS A 83 -6.75 -8.89 4.29
N ARG A 84 -7.12 -7.77 4.88
CA ARG A 84 -8.10 -6.88 4.33
C ARG A 84 -7.37 -5.66 3.81
N ILE A 85 -7.38 -5.52 2.49
CA ILE A 85 -6.67 -4.45 1.80
C ILE A 85 -7.63 -3.36 1.33
N ASN A 86 -7.41 -2.15 1.79
CA ASN A 86 -8.20 -1.01 1.38
C ASN A 86 -7.35 -0.23 0.38
N ILE A 87 -7.81 -0.17 -0.86
CA ILE A 87 -7.08 0.53 -1.89
C ILE A 87 -7.69 1.90 -2.07
N ILE A 88 -6.90 2.91 -1.74
CA ILE A 88 -7.30 4.29 -1.82
C ILE A 88 -6.85 4.77 -3.18
N ASP A 89 -7.76 5.42 -3.89
CA ASP A 89 -7.43 5.95 -5.21
C ASP A 89 -6.56 7.20 -5.04
N THR A 90 -5.30 7.11 -5.41
CA THR A 90 -4.39 8.24 -5.32
C THR A 90 -4.48 8.98 -6.63
N PRO A 91 -4.59 10.32 -6.60
CA PRO A 91 -4.72 11.06 -7.86
C PRO A 91 -3.62 10.77 -8.88
N GLY A 92 -4.01 10.42 -10.12
CA GLY A 92 -3.08 10.17 -11.21
C GLY A 92 -2.44 11.47 -11.70
N HIS A 93 -3.00 12.59 -11.27
CA HIS A 93 -2.49 13.93 -11.57
C HIS A 93 -1.67 14.44 -10.40
N VAL A 94 -0.82 15.44 -10.66
CA VAL A 94 -0.01 16.08 -9.62
C VAL A 94 -0.29 17.58 -9.64
N ASP A 95 -1.44 17.95 -10.22
CA ASP A 95 -1.86 19.34 -10.37
C ASP A 95 -2.46 19.89 -9.07
N PHE A 96 -3.19 19.02 -8.36
CA PHE A 96 -3.82 19.36 -7.09
C PHE A 96 -2.98 18.68 -6.01
N MET A 97 -2.00 19.43 -5.49
CA MET A 97 -1.03 18.90 -4.52
C MET A 97 -1.60 18.69 -3.11
N ILE A 98 -2.62 19.46 -2.75
CA ILE A 98 -3.26 19.31 -1.45
C ILE A 98 -3.90 17.91 -1.40
N GLU A 99 -4.42 17.45 -2.54
CA GLU A 99 -5.04 16.11 -2.65
C GLU A 99 -4.02 15.00 -2.55
N VAL A 100 -2.82 15.24 -3.06
CA VAL A 100 -1.74 14.24 -3.01
C VAL A 100 -1.33 14.03 -1.57
N GLU A 101 -1.11 15.14 -0.86
CA GLU A 101 -0.73 15.10 0.55
C GLU A 101 -1.83 14.44 1.38
N ARG A 102 -3.08 14.80 1.10
CA ARG A 102 -4.19 14.22 1.83
C ARG A 102 -4.27 12.71 1.60
N SER A 103 -4.08 12.27 0.35
CA SER A 103 -4.15 10.84 0.07
C SER A 103 -3.04 10.09 0.81
N LEU A 104 -1.88 10.70 0.97
CA LEU A 104 -0.77 10.07 1.70
C LEU A 104 -1.03 9.92 3.22
N ARG A 105 -1.93 10.72 3.80
CA ARG A 105 -2.24 10.58 5.24
C ARG A 105 -3.35 9.56 5.46
N VAL A 106 -4.14 9.34 4.40
CA VAL A 106 -5.28 8.41 4.42
C VAL A 106 -4.85 6.95 4.24
N LEU A 107 -3.86 6.75 3.40
CA LEU A 107 -3.25 5.42 3.25
C LEU A 107 -2.14 5.31 4.31
N ASP A 108 -1.64 4.11 4.54
CA ASP A 108 -0.56 3.85 5.49
C ASP A 108 0.74 3.44 4.75
N GLY A 109 0.58 2.73 3.62
CA GLY A 109 1.71 2.28 2.80
C GLY A 109 1.39 2.48 1.33
N ALA A 110 2.41 2.58 0.51
CA ALA A 110 2.22 2.80 -0.91
C ALA A 110 2.93 1.75 -1.75
N VAL A 111 2.33 1.43 -2.89
CA VAL A 111 2.92 0.57 -3.89
C VAL A 111 3.22 1.56 -5.01
N VAL A 112 4.50 1.77 -5.30
CA VAL A 112 4.89 2.73 -6.34
C VAL A 112 5.20 1.89 -7.58
N VAL A 113 4.57 2.24 -8.70
CA VAL A 113 4.75 1.52 -9.95
C VAL A 113 5.51 2.38 -10.95
N PHE A 114 6.58 1.81 -11.52
CA PHE A 114 7.38 2.47 -12.54
C PHE A 114 7.35 1.68 -13.84
N ASP A 115 7.46 2.41 -14.94
CA ASP A 115 7.57 1.85 -16.29
C ASP A 115 9.01 1.39 -16.47
N SER A 116 9.20 0.14 -16.91
CA SER A 116 10.55 -0.41 -17.10
C SER A 116 11.39 0.30 -18.15
N VAL A 117 10.74 1.02 -19.06
CA VAL A 117 11.44 1.72 -20.12
C VAL A 117 11.79 3.15 -19.70
N ALA A 118 10.79 3.99 -19.45
CA ALA A 118 10.98 5.38 -19.05
C ALA A 118 11.67 5.52 -17.70
N GLY A 119 11.33 4.62 -16.77
CA GLY A 119 11.88 4.64 -15.43
C GLY A 119 11.33 5.78 -14.58
N VAL A 120 12.16 6.30 -13.68
CA VAL A 120 11.77 7.39 -12.82
C VAL A 120 11.64 8.67 -13.64
N GLU A 121 10.48 9.30 -13.58
CA GLU A 121 10.22 10.55 -14.30
C GLU A 121 9.71 11.61 -13.29
N PRO A 122 9.77 12.91 -13.65
CA PRO A 122 9.42 14.00 -12.72
C PRO A 122 8.13 13.90 -11.90
N GLN A 123 7.07 13.34 -12.47
CA GLN A 123 5.81 13.26 -11.76
C GLN A 123 5.87 12.28 -10.57
N SER A 124 6.47 11.10 -10.79
CA SER A 124 6.66 10.11 -9.72
C SER A 124 7.67 10.64 -8.69
N GLU A 125 8.64 11.42 -9.15
CA GLU A 125 9.64 12.01 -8.27
C GLU A 125 8.98 13.00 -7.30
N THR A 126 8.05 13.81 -7.81
CA THR A 126 7.33 14.77 -6.97
C THR A 126 6.58 14.04 -5.85
N VAL A 127 5.85 12.99 -6.21
CA VAL A 127 5.10 12.18 -5.24
C VAL A 127 6.00 11.46 -4.25
N TRP A 128 7.12 10.94 -4.73
CA TRP A 128 8.07 10.27 -3.87
C TRP A 128 8.60 11.22 -2.78
N ARG A 129 8.89 12.49 -3.12
CA ARG A 129 9.39 13.45 -2.12
C ARG A 129 8.33 13.73 -1.06
N GLN A 130 7.06 13.74 -1.46
CA GLN A 130 5.99 13.96 -0.47
C GLN A 130 5.86 12.73 0.41
N ALA A 131 5.97 11.56 -0.19
CA ALA A 131 5.91 10.32 0.60
C ALA A 131 7.00 10.36 1.66
N ASN A 132 8.19 10.87 1.29
CA ASN A 132 9.30 11.01 2.26
C ASN A 132 8.98 12.01 3.37
N LYS A 133 8.36 13.11 3.00
CA LYS A 133 7.98 14.17 3.95
C LYS A 133 7.02 13.63 5.01
N TYR A 134 6.08 12.77 4.60
CA TYR A 134 5.10 12.15 5.50
C TYR A 134 5.54 10.79 6.09
N GLY A 135 6.76 10.34 5.77
CA GLY A 135 7.28 9.06 6.27
C GLY A 135 6.50 7.82 5.82
N VAL A 136 5.99 7.84 4.59
CA VAL A 136 5.19 6.74 4.07
C VAL A 136 6.02 5.53 3.59
N PRO A 137 5.92 4.38 4.27
CA PRO A 137 6.63 3.20 3.81
C PRO A 137 6.16 2.81 2.42
N ARG A 138 7.01 2.16 1.65
CA ARG A 138 6.60 1.75 0.31
C ARG A 138 7.39 0.59 -0.26
N ILE A 139 6.74 -0.08 -1.21
CA ILE A 139 7.36 -1.12 -2.01
C ILE A 139 7.23 -0.64 -3.47
N VAL A 140 8.09 -1.15 -4.34
CA VAL A 140 8.08 -0.75 -5.72
C VAL A 140 7.78 -1.94 -6.63
N PHE A 141 7.04 -1.67 -7.69
CA PHE A 141 6.74 -2.65 -8.72
C PHE A 141 7.20 -2.05 -10.03
N VAL A 142 8.21 -2.66 -10.65
CA VAL A 142 8.69 -2.19 -11.95
C VAL A 142 7.88 -2.98 -12.96
N ASN A 143 6.88 -2.33 -13.53
CA ASN A 143 5.94 -2.97 -14.46
C ASN A 143 6.46 -2.94 -15.89
N LYS A 144 5.70 -3.55 -16.79
CA LYS A 144 5.99 -3.56 -18.23
C LYS A 144 7.32 -4.16 -18.66
N MET A 145 7.69 -5.23 -17.97
CA MET A 145 8.94 -5.94 -18.26
C MET A 145 8.92 -6.62 -19.64
N ASP A 146 7.75 -6.68 -20.26
CA ASP A 146 7.62 -7.27 -21.60
C ASP A 146 7.82 -6.26 -22.74
N ARG A 147 7.92 -4.98 -22.42
CA ARG A 147 8.05 -3.96 -23.45
C ARG A 147 9.48 -3.82 -23.96
N MET A 148 9.60 -3.45 -25.24
CA MET A 148 10.90 -3.23 -25.86
C MET A 148 11.62 -2.10 -25.12
N GLY A 149 12.88 -2.34 -24.75
CA GLY A 149 13.64 -1.35 -23.98
C GLY A 149 13.56 -1.52 -22.47
N ALA A 150 12.73 -2.46 -21.99
CA ALA A 150 12.62 -2.71 -20.56
C ALA A 150 14.01 -2.96 -19.94
N ASN A 151 14.31 -2.23 -18.86
CA ASN A 151 15.60 -2.35 -18.16
C ASN A 151 15.37 -2.18 -16.67
N PHE A 152 15.20 -3.31 -16.00
CA PHE A 152 14.90 -3.38 -14.59
C PHE A 152 15.93 -2.71 -13.72
N LEU A 153 17.18 -3.14 -13.85
CA LEU A 153 18.27 -2.63 -13.01
C LEU A 153 18.53 -1.14 -13.21
N ARG A 154 18.28 -0.63 -14.41
CA ARG A 154 18.40 0.80 -14.63
C ARG A 154 17.41 1.56 -13.74
N VAL A 155 16.16 1.07 -13.67
CA VAL A 155 15.15 1.72 -12.81
C VAL A 155 15.61 1.69 -11.36
N VAL A 156 16.12 0.54 -10.93
CA VAL A 156 16.62 0.35 -9.56
C VAL A 156 17.72 1.38 -9.22
N SER A 157 18.62 1.64 -10.17
CA SER A 157 19.69 2.59 -9.92
C SER A 157 19.14 4.01 -9.85
N GLN A 158 18.07 4.30 -10.60
CA GLN A 158 17.43 5.62 -10.53
C GLN A 158 16.79 5.86 -9.16
N ILE A 159 16.21 4.82 -8.58
CA ILE A 159 15.61 4.91 -7.25
C ILE A 159 16.69 5.29 -6.24
N LYS A 160 17.83 4.60 -6.32
CA LYS A 160 18.92 4.87 -5.42
C LYS A 160 19.56 6.24 -5.66
N GLN A 161 19.89 6.54 -6.92
CA GLN A 161 20.60 7.78 -7.26
C GLN A 161 19.74 9.06 -7.33
N ARG A 162 18.62 9.00 -8.04
N ARG A 162 18.61 9.02 -8.02
CA ARG A 162 17.75 10.16 -8.23
CA ARG A 162 17.79 10.23 -8.18
C ARG A 162 16.79 10.40 -7.06
C ARG A 162 16.74 10.42 -7.08
N LEU A 163 16.14 9.34 -6.58
CA LEU A 163 15.16 9.46 -5.50
C LEU A 163 15.80 9.44 -4.11
N GLY A 164 17.06 9.03 -4.04
CA GLY A 164 17.78 9.01 -2.78
C GLY A 164 17.25 8.03 -1.73
N SER A 165 16.68 6.90 -2.16
CA SER A 165 16.23 5.85 -1.23
C SER A 165 17.21 4.69 -1.33
N THR A 166 16.98 3.65 -0.53
CA THR A 166 17.82 2.46 -0.55
C THR A 166 16.96 1.27 -1.03
N PRO A 167 16.89 1.06 -2.35
CA PRO A 167 16.12 -0.08 -2.81
C PRO A 167 16.75 -1.40 -2.39
N VAL A 168 15.94 -2.41 -2.12
CA VAL A 168 16.44 -3.74 -1.85
C VAL A 168 15.70 -4.60 -2.84
N VAL A 169 16.44 -5.14 -3.81
CA VAL A 169 15.84 -5.94 -4.87
C VAL A 169 15.47 -7.32 -4.31
N LEU A 170 14.18 -7.66 -4.39
CA LEU A 170 13.67 -8.95 -3.90
C LEU A 170 13.35 -9.94 -4.99
N GLN A 171 13.41 -9.48 -6.24
CA GLN A 171 13.17 -10.33 -7.40
C GLN A 171 14.03 -9.92 -8.56
N LEU A 172 14.29 -10.87 -9.46
CA LEU A 172 14.94 -10.57 -10.72
C LEU A 172 14.00 -11.09 -11.81
N PRO A 173 13.87 -10.37 -12.93
CA PRO A 173 13.02 -10.87 -14.01
C PRO A 173 13.73 -11.99 -14.75
N ILE A 174 12.94 -12.91 -15.31
CA ILE A 174 13.45 -13.98 -16.13
C ILE A 174 13.26 -13.43 -17.54
N GLY A 175 14.34 -12.86 -18.06
CA GLY A 175 14.33 -12.26 -19.38
C GLY A 175 13.70 -10.88 -19.40
N ALA A 176 13.58 -10.34 -20.59
CA ALA A 176 13.01 -9.02 -20.79
C ALA A 176 12.52 -8.89 -22.21
N GLU A 177 11.74 -7.84 -22.45
CA GLU A 177 11.19 -7.58 -23.77
C GLU A 177 10.39 -8.82 -24.24
N GLU A 178 10.62 -9.29 -25.46
CA GLU A 178 9.93 -10.47 -25.99
C GLU A 178 10.21 -11.73 -25.15
N GLU A 179 11.43 -11.82 -24.61
N GLU A 179 11.43 -11.85 -24.63
CA GLU A 179 11.87 -12.99 -23.84
CA GLU A 179 11.80 -13.04 -23.84
C GLU A 179 11.46 -12.99 -22.34
C GLU A 179 11.45 -13.00 -22.34
N PHE A 180 10.53 -12.13 -21.93
CA PHE A 180 10.09 -12.08 -20.51
C PHE A 180 9.18 -13.27 -20.20
N LYS A 181 9.59 -14.12 -19.25
CA LYS A 181 8.85 -15.35 -18.92
C LYS A 181 8.29 -15.43 -17.51
N GLY A 182 8.83 -14.63 -16.60
CA GLY A 182 8.39 -14.64 -15.21
C GLY A 182 9.39 -13.92 -14.32
N VAL A 183 9.38 -14.24 -13.03
CA VAL A 183 10.29 -13.60 -12.07
C VAL A 183 10.86 -14.63 -11.12
N ILE A 184 11.97 -14.27 -10.48
CA ILE A 184 12.61 -15.13 -9.51
C ILE A 184 12.44 -14.49 -8.14
N ASP A 185 11.96 -15.27 -7.17
CA ASP A 185 11.86 -14.83 -5.78
C ASP A 185 13.25 -15.12 -5.17
N LEU A 186 14.01 -14.07 -4.91
CA LEU A 186 15.38 -14.21 -4.38
C LEU A 186 15.48 -14.74 -2.94
N ILE A 187 14.46 -14.50 -2.10
CA ILE A 187 14.50 -15.03 -0.74
C ILE A 187 14.35 -16.55 -0.80
N LYS A 188 13.37 -17.03 -1.56
CA LYS A 188 13.14 -18.46 -1.70
C LYS A 188 14.08 -19.11 -2.72
N MET A 189 14.72 -18.30 -3.58
CA MET A 189 15.59 -18.81 -4.66
C MET A 189 14.83 -19.82 -5.54
N LYS A 190 13.69 -19.37 -6.04
CA LYS A 190 12.82 -20.16 -6.92
C LYS A 190 12.28 -19.25 -7.99
N ALA A 191 12.19 -19.78 -9.20
CA ALA A 191 11.59 -19.06 -10.29
C ALA A 191 10.10 -19.29 -10.14
N ILE A 192 9.31 -18.27 -10.46
CA ILE A 192 7.87 -18.38 -10.41
C ILE A 192 7.31 -18.48 -11.84
N HIS A 193 6.65 -19.59 -12.17
CA HIS A 193 5.98 -19.72 -13.47
C HIS A 193 4.47 -19.66 -13.27
N TRP A 194 3.87 -18.58 -13.74
CA TRP A 194 2.42 -18.40 -13.66
C TRP A 194 1.78 -19.08 -14.86
N ASP A 195 0.71 -19.82 -14.60
CA ASP A 195 0.00 -20.55 -15.65
C ASP A 195 -0.67 -19.60 -16.65
N GLU A 196 -0.42 -19.84 -17.92
CA GLU A 196 -0.93 -19.00 -19.00
C GLU A 196 -2.45 -19.05 -19.10
N GLU A 197 -2.98 -20.28 -19.08
CA GLU A 197 -4.40 -20.56 -19.26
C GLU A 197 -5.42 -19.95 -18.29
N ASN A 198 -5.05 -19.73 -17.03
CA ASN A 198 -6.03 -19.19 -16.06
C ASN A 198 -5.70 -17.76 -15.61
N LYS A 199 -5.06 -17.01 -16.49
CA LYS A 199 -4.66 -15.63 -16.21
C LYS A 199 -3.95 -15.45 -14.86
N GLY A 200 -2.95 -16.30 -14.64
CA GLY A 200 -2.13 -16.22 -13.45
C GLY A 200 -2.74 -16.48 -12.09
N MET A 201 -3.91 -17.15 -12.04
CA MET A 201 -4.52 -17.49 -10.76
C MET A 201 -3.75 -18.60 -10.01
N THR A 202 -3.02 -19.43 -10.75
CA THR A 202 -2.18 -20.49 -10.17
C THR A 202 -0.77 -20.33 -10.70
N PHE A 203 0.18 -20.94 -10.01
CA PHE A 203 1.58 -20.82 -10.39
C PHE A 203 2.33 -22.05 -9.88
N LYS A 204 3.61 -22.12 -10.20
CA LYS A 204 4.46 -23.19 -9.70
C LYS A 204 5.85 -22.63 -9.41
N TYR A 205 6.47 -23.11 -8.34
CA TYR A 205 7.83 -22.74 -8.08
C TYR A 205 8.70 -23.76 -8.86
N VAL A 206 9.64 -23.28 -9.66
CA VAL A 206 10.57 -24.16 -10.38
C VAL A 206 11.99 -23.69 -10.11
N ASP A 207 12.96 -24.49 -10.54
CA ASP A 207 14.37 -24.15 -10.35
C ASP A 207 14.75 -22.92 -11.15
N ILE A 208 15.65 -22.14 -10.59
CA ILE A 208 16.20 -20.98 -11.27
C ILE A 208 16.97 -21.49 -12.48
N PRO A 209 16.79 -20.86 -13.66
CA PRO A 209 17.59 -21.29 -14.81
C PRO A 209 19.10 -21.22 -14.51
N ALA A 210 19.84 -22.22 -14.98
CA ALA A 210 21.28 -22.32 -14.73
C ALA A 210 22.05 -21.03 -15.01
N ASP A 211 21.72 -20.40 -16.14
CA ASP A 211 22.40 -19.17 -16.57
C ASP A 211 22.14 -17.91 -15.71
N LEU A 212 21.16 -17.99 -14.80
CA LEU A 212 20.85 -16.84 -13.93
C LEU A 212 21.20 -17.08 -12.47
N LYS A 213 21.60 -18.30 -12.14
CA LYS A 213 21.86 -18.70 -10.77
C LYS A 213 22.89 -17.86 -10.01
N SER A 214 24.03 -17.53 -10.65
N SER A 214 24.02 -17.55 -10.66
CA SER A 214 25.08 -16.77 -9.98
CA SER A 214 25.09 -16.78 -10.03
C SER A 214 24.66 -15.32 -9.76
C SER A 214 24.69 -15.31 -9.79
N THR A 215 23.92 -14.74 -10.71
CA THR A 215 23.42 -13.35 -10.55
C THR A 215 22.37 -13.31 -9.42
N CYS A 216 21.54 -14.35 -9.32
CA CYS A 216 20.55 -14.43 -8.24
C CYS A 216 21.23 -14.49 -6.87
N GLU A 217 22.34 -15.25 -6.78
CA GLU A 217 23.11 -15.37 -5.53
C GLU A 217 23.77 -14.05 -5.13
N GLU A 218 24.24 -13.31 -6.14
CA GLU A 218 24.85 -11.99 -5.95
C GLU A 218 23.80 -11.01 -5.37
N TYR A 219 22.60 -11.03 -5.94
CA TYR A 219 21.52 -10.15 -5.44
C TYR A 219 20.95 -10.60 -4.11
N ARG A 220 20.93 -11.92 -3.87
CA ARG A 220 20.42 -12.42 -2.60
C ARG A 220 21.35 -11.96 -1.48
N ALA A 221 22.66 -11.92 -1.75
CA ALA A 221 23.62 -11.46 -0.74
C ALA A 221 23.35 -10.01 -0.36
N HIS A 222 22.87 -9.20 -1.32
CA HIS A 222 22.55 -7.80 -1.00
C HIS A 222 21.37 -7.70 -0.03
N ILE A 223 20.47 -8.68 -0.08
CA ILE A 223 19.30 -8.73 0.81
C ILE A 223 19.75 -9.04 2.22
N ILE A 224 20.65 -10.02 2.34
CA ILE A 224 21.19 -10.40 3.66
C ILE A 224 21.92 -9.18 4.25
N GLU A 225 22.73 -8.51 3.43
CA GLU A 225 23.46 -7.33 3.90
C GLU A 225 22.53 -6.24 4.43
N ALA A 226 21.40 -6.01 3.76
CA ALA A 226 20.46 -5.00 4.21
C ALA A 226 19.78 -5.45 5.52
N ALA A 227 19.41 -6.73 5.57
CA ALA A 227 18.72 -7.29 6.75
C ALA A 227 19.59 -7.30 7.99
N ALA A 228 20.88 -7.47 7.81
CA ALA A 228 21.84 -7.50 8.91
C ALA A 228 21.80 -6.24 9.77
N GLU A 229 21.35 -5.13 9.19
CA GLU A 229 21.27 -3.85 9.89
C GLU A 229 20.16 -3.80 10.93
N TYR A 230 19.22 -4.72 10.84
CA TYR A 230 18.08 -4.76 11.75
C TYR A 230 18.43 -4.96 13.23
N SER A 231 19.38 -5.83 13.55
CA SER A 231 19.72 -6.07 14.94
C SER A 231 21.11 -6.63 15.05
N GLU A 232 21.67 -6.53 16.24
CA GLU A 232 23.00 -7.04 16.51
C GLU A 232 23.05 -8.57 16.33
N GLU A 233 21.97 -9.27 16.67
CA GLU A 233 21.92 -10.71 16.47
C GLU A 233 22.13 -11.07 15.00
N LEU A 234 21.41 -10.40 14.10
CA LEU A 234 21.58 -10.68 12.66
C LEU A 234 22.91 -10.14 12.15
N MET A 235 23.39 -9.02 12.69
CA MET A 235 24.70 -8.50 12.25
C MET A 235 25.79 -9.53 12.57
N GLU A 236 25.71 -10.14 13.75
CA GLU A 236 26.69 -11.16 14.15
C GLU A 236 26.65 -12.33 13.19
N LYS A 237 25.46 -12.84 12.90
CA LYS A 237 25.32 -13.95 11.96
C LYS A 237 25.89 -13.60 10.59
N TYR A 238 25.59 -12.39 10.11
CA TYR A 238 26.10 -11.93 8.81
C TYR A 238 27.62 -11.85 8.74
N LEU A 239 28.24 -11.22 9.75
CA LEU A 239 29.71 -11.10 9.77
C LEU A 239 30.39 -12.46 9.87
N GLU A 240 29.76 -13.41 10.56
CA GLU A 240 30.33 -14.74 10.75
C GLU A 240 30.00 -15.75 9.65
N GLY A 241 29.12 -15.39 8.73
CA GLY A 241 28.76 -16.29 7.62
C GLY A 241 27.65 -17.29 7.90
N GLU A 242 26.93 -17.15 9.01
CA GLU A 242 25.83 -18.05 9.32
C GLU A 242 24.63 -17.72 8.44
N GLU A 243 23.87 -18.76 8.14
CA GLU A 243 22.70 -18.67 7.28
C GLU A 243 21.51 -18.03 8.02
N PHE A 244 20.84 -17.11 7.35
CA PHE A 244 19.62 -16.49 7.86
C PHE A 244 18.44 -17.36 7.47
N THR A 245 17.43 -17.45 8.33
CA THR A 245 16.20 -18.16 7.95
C THR A 245 15.36 -17.14 7.20
N GLU A 246 14.38 -17.62 6.44
N GLU A 246 14.36 -17.64 6.46
CA GLU A 246 13.50 -16.74 5.69
CA GLU A 246 13.45 -16.79 5.70
C GLU A 246 12.71 -15.83 6.64
C GLU A 246 12.72 -15.84 6.64
N ALA A 247 12.22 -16.38 7.75
CA ALA A 247 11.46 -15.59 8.72
C ALA A 247 12.29 -14.44 9.28
N GLU A 248 13.56 -14.70 9.59
CA GLU A 248 14.47 -13.64 10.08
C GLU A 248 14.64 -12.55 9.01
N ILE A 249 14.85 -12.95 7.77
CA ILE A 249 15.01 -11.99 6.67
C ILE A 249 13.78 -11.09 6.53
N LYS A 250 12.61 -11.71 6.51
CA LYS A 250 11.36 -10.96 6.32
C LYS A 250 11.02 -10.08 7.49
N LYS A 251 11.30 -10.56 8.69
CA LYS A 251 11.06 -9.76 9.88
C LYS A 251 11.88 -8.48 9.79
N ALA A 252 13.17 -8.63 9.45
CA ALA A 252 14.07 -7.47 9.33
C ALA A 252 13.64 -6.51 8.22
N LEU A 253 13.34 -7.06 7.04
CA LEU A 253 12.92 -6.25 5.89
C LEU A 253 11.62 -5.52 6.17
N ARG A 254 10.71 -6.19 6.87
CA ARG A 254 9.44 -5.54 7.24
C ARG A 254 9.71 -4.31 8.12
N HIS A 255 10.50 -4.48 9.16
CA HIS A 255 10.80 -3.37 10.06
C HIS A 255 11.53 -2.25 9.34
N LEU A 256 12.50 -2.63 8.50
CA LEU A 256 13.28 -1.65 7.76
C LEU A 256 12.44 -0.91 6.74
N THR A 257 11.43 -1.58 6.19
CA THR A 257 10.54 -0.95 5.23
C THR A 257 9.61 0.05 5.93
N ILE A 258 9.05 -0.40 7.05
CA ILE A 258 8.12 0.40 7.82
C ILE A 258 8.79 1.66 8.42
N THR A 259 10.08 1.55 8.77
CA THR A 259 10.83 2.70 9.27
C THR A 259 11.53 3.49 8.17
N ASN A 260 11.18 3.26 6.91
CA ASN A 260 11.75 4.02 5.79
C ASN A 260 13.26 3.91 5.59
N LYS A 261 13.84 2.78 5.98
CA LYS A 261 15.27 2.52 5.78
C LYS A 261 15.54 1.84 4.44
N VAL A 262 14.59 1.02 3.97
CA VAL A 262 14.72 0.36 2.67
C VAL A 262 13.39 0.41 1.91
N VAL A 263 13.47 0.08 0.63
CA VAL A 263 12.31 0.02 -0.25
C VAL A 263 12.40 -1.25 -1.09
N PRO A 264 11.61 -2.28 -0.72
CA PRO A 264 11.64 -3.52 -1.49
C PRO A 264 11.19 -3.29 -2.93
N VAL A 265 11.86 -3.98 -3.87
CA VAL A 265 11.57 -3.83 -5.27
C VAL A 265 11.19 -5.15 -5.90
N PHE A 266 10.06 -5.12 -6.62
CA PHE A 266 9.49 -6.23 -7.33
C PHE A 266 9.40 -5.84 -8.80
N CYS A 267 9.14 -6.82 -9.66
CA CYS A 267 8.99 -6.54 -11.08
C CYS A 267 8.03 -7.50 -11.76
N GLY A 268 7.73 -7.21 -13.01
CA GLY A 268 6.88 -8.05 -13.83
C GLY A 268 6.01 -7.27 -14.81
N SER A 269 4.84 -7.84 -15.09
CA SER A 269 3.87 -7.27 -16.01
C SER A 269 2.46 -7.51 -15.51
N ALA A 270 1.71 -6.42 -15.34
CA ALA A 270 0.30 -6.51 -14.95
C ALA A 270 -0.52 -7.11 -16.09
N PHE A 271 -0.39 -6.53 -17.29
CA PHE A 271 -1.15 -7.02 -18.44
C PHE A 271 -0.92 -8.50 -18.80
N LYS A 272 0.32 -8.97 -18.73
CA LYS A 272 0.66 -10.37 -19.00
C LYS A 272 0.38 -11.31 -17.83
N ASN A 273 -0.21 -10.79 -16.75
CA ASN A 273 -0.55 -11.64 -15.59
C ASN A 273 0.64 -12.34 -14.97
N LYS A 274 1.76 -11.62 -14.92
CA LYS A 274 2.99 -12.12 -14.37
C LYS A 274 3.65 -11.11 -13.45
N GLY A 275 3.16 -11.01 -12.23
CA GLY A 275 3.82 -10.12 -11.27
C GLY A 275 3.04 -9.53 -10.14
N VAL A 276 1.86 -8.98 -10.45
CA VAL A 276 1.04 -8.33 -9.43
C VAL A 276 0.68 -9.29 -8.29
N GLN A 277 0.55 -10.57 -8.60
CA GLN A 277 0.24 -11.57 -7.60
C GLN A 277 1.33 -11.56 -6.50
N ALA A 278 2.60 -11.50 -6.91
CA ALA A 278 3.69 -11.47 -5.94
C ALA A 278 3.79 -10.13 -5.22
N VAL A 279 3.40 -9.05 -5.90
CA VAL A 279 3.39 -7.73 -5.29
C VAL A 279 2.41 -7.73 -4.12
N LEU A 280 1.25 -8.37 -4.30
CA LEU A 280 0.24 -8.47 -3.24
C LEU A 280 0.79 -9.20 -2.00
N ASP A 281 1.62 -10.23 -2.21
CA ASP A 281 2.24 -10.89 -1.08
C ASP A 281 3.13 -9.89 -0.35
N GLY A 282 3.81 -9.04 -1.12
CA GLY A 282 4.68 -8.00 -0.57
C GLY A 282 3.91 -6.97 0.24
N VAL A 283 2.68 -6.67 -0.16
CA VAL A 283 1.84 -5.75 0.62
C VAL A 283 1.63 -6.33 2.02
N ILE A 284 1.33 -7.62 2.08
CA ILE A 284 1.15 -8.31 3.34
C ILE A 284 2.44 -8.38 4.15
N GLU A 285 3.51 -8.84 3.50
CA GLU A 285 4.76 -9.04 4.18
C GLU A 285 5.54 -7.82 4.58
N TYR A 286 5.47 -6.75 3.80
CA TYR A 286 6.29 -5.58 4.08
C TYR A 286 5.61 -4.25 4.41
N LEU A 287 4.37 -4.06 3.98
CA LEU A 287 3.69 -2.79 4.25
C LEU A 287 2.99 -2.77 5.62
N PRO A 288 2.85 -1.57 6.20
CA PRO A 288 2.30 -1.47 7.55
C PRO A 288 0.81 -1.69 7.71
N SER A 289 0.44 -2.25 8.87
CA SER A 289 -0.94 -2.30 9.28
C SER A 289 -1.10 -0.93 9.97
N PRO A 290 -2.33 -0.56 10.31
CA PRO A 290 -2.52 0.75 10.97
C PRO A 290 -1.75 0.95 12.29
N THR A 291 -1.44 -0.13 13.01
CA THR A 291 -0.73 -0.06 14.28
C THR A 291 0.78 0.11 14.14
N ASP A 292 1.30 -0.13 12.93
CA ASP A 292 2.75 -0.05 12.66
C ASP A 292 3.27 1.35 12.42
N ILE A 293 2.39 2.32 12.18
CA ILE A 293 2.83 3.67 11.89
C ILE A 293 2.50 4.58 13.10
N PRO A 294 3.15 5.74 13.19
CA PRO A 294 2.86 6.61 14.35
C PRO A 294 1.43 7.12 14.42
N ASP A 295 1.03 7.46 15.64
CA ASP A 295 -0.29 8.00 15.91
C ASP A 295 -0.45 9.32 15.17
N ILE A 296 -1.64 9.57 14.63
CA ILE A 296 -1.88 10.80 13.91
C ILE A 296 -1.88 12.01 14.84
N GLN A 297 -1.37 13.13 14.34
N GLN A 297 -1.36 13.13 14.33
CA GLN A 297 -1.25 14.37 15.12
CA GLN A 297 -1.24 14.37 15.07
C GLN A 297 -2.21 15.44 14.59
C GLN A 297 -2.25 15.41 14.59
N GLY A 298 -2.73 16.25 15.50
CA GLY A 298 -3.65 17.33 15.17
C GLY A 298 -3.58 18.41 16.24
N VAL A 299 -4.61 19.24 16.30
CA VAL A 299 -4.72 20.28 17.31
C VAL A 299 -6.13 20.29 17.90
N ASP A 300 -6.29 20.80 19.11
CA ASP A 300 -7.66 20.89 19.66
C ASP A 300 -8.23 22.23 19.19
N GLU A 301 -9.37 22.63 19.74
CA GLU A 301 -9.99 23.87 19.30
C GLU A 301 -9.28 25.11 19.77
N HIS A 302 -8.29 24.97 20.65
CA HIS A 302 -7.57 26.12 21.21
C HIS A 302 -6.10 26.09 20.83
N GLY A 303 -5.80 25.33 19.78
CA GLY A 303 -4.45 25.25 19.22
C GLY A 303 -3.42 24.39 19.92
N ASP A 304 -3.83 23.60 20.92
CA ASP A 304 -2.89 22.74 21.64
C ASP A 304 -2.63 21.50 20.80
N VAL A 305 -1.37 21.13 20.62
CA VAL A 305 -1.01 19.94 19.81
C VAL A 305 -1.46 18.69 20.55
N ILE A 306 -2.11 17.77 19.86
CA ILE A 306 -2.59 16.53 20.46
C ILE A 306 -2.46 15.38 19.48
N HIS A 307 -2.69 14.17 19.95
N HIS A 307 -2.65 14.15 19.96
CA HIS A 307 -2.61 12.98 19.10
CA HIS A 307 -2.56 12.97 19.10
C HIS A 307 -3.84 12.12 19.30
C HIS A 307 -3.73 12.02 19.36
N ARG A 308 -4.06 11.22 18.35
CA ARG A 308 -5.12 10.22 18.45
C ARG A 308 -4.49 8.84 18.22
N LYS A 309 -4.49 8.02 19.26
CA LYS A 309 -3.92 6.70 19.19
C LYS A 309 -4.79 5.76 18.35
N THR A 310 -4.13 4.79 17.73
CA THR A 310 -4.80 3.78 16.94
C THR A 310 -5.38 2.73 17.90
N SER A 311 -6.54 3.07 18.47
CA SER A 311 -7.19 2.24 19.47
C SER A 311 -8.70 2.43 19.49
N TYR A 312 -9.41 1.35 19.77
CA TYR A 312 -10.86 1.40 19.88
C TYR A 312 -11.30 2.17 21.14
N ASP A 313 -10.42 2.21 22.15
CA ASP A 313 -10.67 2.93 23.42
C ASP A 313 -10.50 4.45 23.38
N GLU A 314 -9.87 4.94 22.34
CA GLU A 314 -9.61 6.37 22.17
C GLU A 314 -10.88 7.06 21.63
N PRO A 315 -11.02 8.38 21.82
CA PRO A 315 -12.18 9.05 21.22
C PRO A 315 -12.11 9.02 19.69
N PHE A 316 -13.26 8.92 19.06
CA PHE A 316 -13.35 8.82 17.64
C PHE A 316 -12.76 10.01 16.88
N SER A 317 -12.02 9.73 15.81
CA SER A 317 -11.51 10.76 14.91
C SER A 317 -11.39 10.16 13.51
N ALA A 318 -11.66 11.00 12.51
CA ALA A 318 -11.58 10.58 11.13
C ALA A 318 -11.40 11.78 10.23
N LEU A 319 -10.79 11.54 9.07
CA LEU A 319 -10.56 12.57 8.08
C LEU A 319 -11.35 12.23 6.84
N ALA A 320 -12.14 13.18 6.33
CA ALA A 320 -12.92 12.97 5.12
C ALA A 320 -12.03 13.28 3.92
N PHE A 321 -11.98 12.39 2.93
CA PHE A 321 -11.09 12.59 1.80
C PHE A 321 -11.71 12.57 0.43
N LYS A 322 -13.01 12.34 0.32
CA LYS A 322 -13.65 12.38 -0.99
C LYS A 322 -15.15 12.47 -0.80
N ILE A 323 -15.80 13.36 -1.56
CA ILE A 323 -17.25 13.50 -1.53
C ILE A 323 -17.70 13.13 -2.94
N ALA A 324 -18.48 12.06 -3.06
CA ALA A 324 -18.95 11.60 -4.36
C ALA A 324 -20.47 11.58 -4.40
N THR A 325 -21.03 11.79 -5.58
N THR A 325 -21.02 11.77 -5.59
CA THR A 325 -22.47 11.76 -5.76
CA THR A 325 -22.46 11.77 -5.80
C THR A 325 -22.84 10.43 -6.39
C THR A 325 -22.87 10.44 -6.42
N ASP A 326 -23.71 9.69 -5.70
CA ASP A 326 -24.20 8.41 -6.18
C ASP A 326 -25.63 8.63 -6.70
N PRO A 327 -25.99 8.03 -7.85
CA PRO A 327 -27.36 8.22 -8.36
C PRO A 327 -28.44 7.50 -7.52
N PHE A 328 -28.08 6.38 -6.90
CA PHE A 328 -29.03 5.61 -6.07
C PHE A 328 -29.24 6.22 -4.68
N VAL A 329 -28.18 6.33 -3.89
CA VAL A 329 -28.29 6.83 -2.49
C VAL A 329 -27.99 8.32 -2.22
N GLY A 330 -27.49 9.05 -3.20
CA GLY A 330 -27.14 10.47 -3.00
C GLY A 330 -25.65 10.58 -2.67
N THR A 331 -25.28 11.48 -1.77
CA THR A 331 -23.85 11.71 -1.46
C THR A 331 -23.17 10.60 -0.65
N LEU A 332 -21.89 10.37 -0.99
CA LEU A 332 -21.05 9.41 -0.29
C LEU A 332 -19.86 10.18 0.24
N THR A 333 -19.67 10.16 1.54
CA THR A 333 -18.55 10.85 2.15
C THR A 333 -17.54 9.82 2.62
N TYR A 334 -16.44 9.70 1.88
CA TYR A 334 -15.39 8.74 2.23
C TYR A 334 -14.49 9.33 3.29
N PHE A 335 -14.18 8.51 4.28
CA PHE A 335 -13.33 8.93 5.38
C PHE A 335 -12.49 7.79 5.90
N ARG A 336 -11.37 8.16 6.51
CA ARG A 336 -10.46 7.23 7.16
C ARG A 336 -10.60 7.43 8.67
N ALA A 337 -10.95 6.38 9.39
CA ALA A 337 -11.02 6.44 10.84
C ALA A 337 -9.66 6.14 11.42
N TYR A 338 -9.19 6.99 12.32
CA TYR A 338 -7.89 6.81 12.96
C TYR A 338 -8.03 6.23 14.36
N SER A 339 -9.12 6.57 15.03
CA SER A 339 -9.30 6.16 16.40
C SER A 339 -10.73 5.96 16.71
N GLY A 340 -10.97 5.17 17.74
CA GLY A 340 -12.30 4.91 18.25
C GLY A 340 -13.15 4.06 17.37
N ILE A 341 -14.46 4.19 17.58
CA ILE A 341 -15.50 3.45 16.88
C ILE A 341 -16.67 4.38 16.55
N LEU A 342 -17.17 4.31 15.34
CA LEU A 342 -18.29 5.11 14.88
C LEU A 342 -19.39 4.15 14.50
N LYS A 343 -20.60 4.39 15.00
CA LYS A 343 -21.74 3.53 14.69
C LYS A 343 -22.83 4.35 14.02
N SER A 344 -23.63 3.69 13.18
CA SER A 344 -24.79 4.32 12.56
C SER A 344 -25.68 4.84 13.67
N GLY A 345 -26.11 6.10 13.55
CA GLY A 345 -26.97 6.71 14.56
C GLY A 345 -26.23 7.60 15.53
N ASP A 346 -24.89 7.52 15.54
CA ASP A 346 -24.08 8.38 16.42
C ASP A 346 -24.09 9.81 15.92
N THR A 347 -23.99 10.75 16.85
CA THR A 347 -23.85 12.14 16.51
C THR A 347 -22.35 12.48 16.63
N VAL A 348 -21.75 12.99 15.56
CA VAL A 348 -20.33 13.40 15.63
C VAL A 348 -20.20 14.88 15.35
N TYR A 349 -18.99 15.38 15.53
CA TYR A 349 -18.72 16.80 15.34
C TYR A 349 -17.76 17.04 14.18
N ASN A 350 -18.16 17.92 13.28
CA ASN A 350 -17.34 18.34 12.18
C ASN A 350 -16.56 19.52 12.76
N SER A 351 -15.36 19.23 13.23
CA SER A 351 -14.52 20.21 13.91
C SER A 351 -14.00 21.35 13.06
N VAL A 352 -14.10 21.27 11.73
CA VAL A 352 -13.70 22.37 10.84
C VAL A 352 -14.91 23.34 10.66
N LYS A 353 -16.10 22.80 10.40
CA LYS A 353 -17.33 23.62 10.26
C LYS A 353 -18.01 24.06 11.57
N GLY A 354 -17.69 23.41 12.68
CA GLY A 354 -18.32 23.73 13.97
C GLY A 354 -19.79 23.32 14.02
N LYS A 355 -20.11 22.19 13.41
CA LYS A 355 -21.48 21.67 13.33
C LYS A 355 -21.53 20.19 13.67
N LYS A 356 -22.62 19.78 14.30
CA LYS A 356 -22.83 18.39 14.63
C LYS A 356 -23.44 17.73 13.40
N GLU A 357 -23.11 16.45 13.23
CA GLU A 357 -23.56 15.66 12.09
C GLU A 357 -24.04 14.32 12.65
N ARG A 358 -25.21 13.87 12.26
CA ARG A 358 -25.70 12.56 12.68
C ARG A 358 -25.43 11.56 11.58
N ILE A 359 -24.74 10.47 11.91
CA ILE A 359 -24.41 9.43 10.94
C ILE A 359 -25.60 8.49 10.71
N GLY A 360 -25.94 8.28 9.45
CA GLY A 360 -27.01 7.36 9.07
C GLY A 360 -26.40 6.07 8.58
N ARG A 361 -26.57 5.80 7.29
CA ARG A 361 -26.04 4.57 6.69
C ARG A 361 -24.55 4.65 6.39
N LEU A 362 -23.89 3.50 6.53
CA LEU A 362 -22.47 3.37 6.27
C LEU A 362 -22.25 2.24 5.27
N LEU A 363 -21.35 2.47 4.31
CA LEU A 363 -21.04 1.51 3.27
C LEU A 363 -19.54 1.37 3.04
N GLN A 364 -19.16 0.20 2.54
CA GLN A 364 -17.80 -0.07 2.11
C GLN A 364 -17.92 -0.67 0.71
N MET A 365 -17.15 -0.13 -0.22
CA MET A 365 -17.19 -0.57 -1.61
C MET A 365 -16.21 -1.72 -1.84
N HIS A 366 -16.67 -2.70 -2.60
CA HIS A 366 -15.87 -3.83 -3.04
C HIS A 366 -15.76 -3.70 -4.56
N ALA A 367 -15.01 -4.58 -5.20
CA ALA A 367 -14.83 -4.49 -6.66
C ALA A 367 -16.13 -4.46 -7.43
N ASN A 368 -17.05 -5.38 -7.11
CA ASN A 368 -18.33 -5.49 -7.84
C ASN A 368 -19.60 -5.40 -6.97
N SER A 369 -19.47 -4.99 -5.71
CA SER A 369 -20.61 -4.87 -4.81
C SER A 369 -20.38 -3.76 -3.81
N ARG A 370 -21.42 -3.44 -3.08
CA ARG A 370 -21.44 -2.38 -2.11
C ARG A 370 -22.02 -2.98 -0.84
N GLU A 371 -21.23 -3.00 0.24
CA GLU A 371 -21.66 -3.65 1.49
C GLU A 371 -22.10 -2.67 2.59
N GLU A 372 -23.30 -2.92 3.13
CA GLU A 372 -23.88 -2.12 4.21
C GLU A 372 -23.23 -2.57 5.51
N ILE A 373 -22.79 -1.61 6.32
CA ILE A 373 -22.20 -1.91 7.64
C ILE A 373 -22.81 -1.01 8.70
N LYS A 374 -22.69 -1.40 9.96
CA LYS A 374 -23.28 -0.61 11.05
C LYS A 374 -22.28 0.14 11.90
N GLU A 375 -20.99 -0.17 11.72
CA GLU A 375 -19.95 0.55 12.44
C GLU A 375 -18.65 0.52 11.69
N VAL A 376 -17.81 1.50 11.99
N VAL A 376 -17.79 1.48 11.98
CA VAL A 376 -16.48 1.61 11.41
CA VAL A 376 -16.47 1.55 11.38
C VAL A 376 -15.53 1.82 12.58
C VAL A 376 -15.50 1.85 12.51
N ARG A 377 -14.47 1.02 12.62
CA ARG A 377 -13.49 1.12 13.70
C ARG A 377 -12.17 1.74 13.25
N ALA A 378 -11.37 2.13 14.23
CA ALA A 378 -10.06 2.72 13.98
C ALA A 378 -9.30 1.83 13.00
N GLY A 379 -8.65 2.48 12.02
CA GLY A 379 -7.86 1.78 11.02
C GLY A 379 -8.61 1.46 9.75
N ASP A 380 -9.92 1.67 9.72
CA ASP A 380 -10.70 1.33 8.52
C ASP A 380 -11.14 2.57 7.74
N ILE A 381 -11.65 2.31 6.54
CA ILE A 381 -12.12 3.32 5.62
C ILE A 381 -13.53 2.94 5.18
N ALA A 382 -14.40 3.93 5.12
CA ALA A 382 -15.79 3.70 4.71
C ALA A 382 -16.38 4.98 4.16
N ALA A 383 -17.62 4.88 3.68
CA ALA A 383 -18.35 6.01 3.15
C ALA A 383 -19.64 6.20 3.91
N ALA A 384 -19.92 7.43 4.30
CA ALA A 384 -21.15 7.78 5.01
C ALA A 384 -22.14 8.34 4.00
N VAL A 385 -23.36 7.81 4.02
CA VAL A 385 -24.40 8.24 3.10
C VAL A 385 -25.15 9.46 3.59
N GLY A 386 -25.32 10.43 2.69
CA GLY A 386 -26.13 11.61 2.95
C GLY A 386 -25.74 12.62 4.01
N LEU A 387 -24.45 12.82 4.26
CA LEU A 387 -24.06 13.83 5.24
C LEU A 387 -24.33 15.23 4.67
N LYS A 388 -24.50 16.19 5.57
CA LYS A 388 -24.84 17.57 5.19
C LYS A 388 -23.68 18.58 5.15
N THR A 389 -22.85 18.57 6.20
CA THR A 389 -21.77 19.56 6.39
C THR A 389 -20.37 19.25 5.89
N VAL A 390 -20.11 18.00 5.59
CA VAL A 390 -18.75 17.59 5.26
C VAL A 390 -18.24 17.87 3.84
N THR A 391 -17.05 18.45 3.77
CA THR A 391 -16.31 18.69 2.51
C THR A 391 -14.96 18.01 2.72
N THR A 392 -14.19 17.90 1.65
N THR A 392 -14.20 17.85 1.65
CA THR A 392 -12.90 17.22 1.73
CA THR A 392 -12.88 17.18 1.75
C THR A 392 -11.96 17.96 2.69
C THR A 392 -11.95 17.96 2.68
N GLY A 393 -11.23 17.20 3.51
CA GLY A 393 -10.29 17.78 4.47
C GLY A 393 -10.89 18.00 5.86
N ASP A 394 -12.22 17.88 5.97
CA ASP A 394 -12.86 18.04 7.28
C ASP A 394 -12.58 16.85 8.18
N THR A 395 -12.50 17.14 9.48
CA THR A 395 -12.33 16.13 10.50
C THR A 395 -13.70 15.86 11.14
N LEU A 396 -14.02 14.61 11.37
CA LEU A 396 -15.23 14.22 12.11
C LEU A 396 -14.71 13.62 13.38
N CYS A 397 -15.22 14.05 14.53
CA CYS A 397 -14.70 13.54 15.78
C CYS A 397 -15.74 13.51 16.89
N ASP A 398 -15.33 12.89 17.98
CA ASP A 398 -16.10 12.79 19.21
C ASP A 398 -16.45 14.22 19.66
N GLN A 399 -17.74 14.46 19.89
CA GLN A 399 -18.24 15.80 20.31
C GLN A 399 -17.60 16.37 21.55
N ASP A 400 -17.21 15.50 22.47
CA ASP A 400 -16.64 15.93 23.75
C ASP A 400 -15.13 16.03 23.79
N LYS A 401 -14.44 15.38 22.85
CA LYS A 401 -12.97 15.37 22.81
C LYS A 401 -12.57 15.75 21.39
N VAL A 402 -12.65 17.05 21.13
CA VAL A 402 -12.46 17.59 19.80
C VAL A 402 -11.02 17.65 19.30
N VAL A 403 -10.85 17.25 18.03
CA VAL A 403 -9.58 17.32 17.34
C VAL A 403 -9.81 17.76 15.89
N ILE A 404 -8.87 18.55 15.36
CA ILE A 404 -8.83 19.00 13.97
C ILE A 404 -7.55 18.31 13.43
N LEU A 405 -7.68 17.42 12.47
CA LEU A 405 -6.54 16.67 11.92
C LEU A 405 -5.84 17.39 10.75
N GLU A 406 -6.54 18.28 10.06
CA GLU A 406 -5.97 19.01 8.95
C GLU A 406 -6.34 20.49 9.04
N ARG A 407 -5.31 21.35 9.05
CA ARG A 407 -5.46 22.82 9.09
C ARG A 407 -6.43 23.29 10.18
#